data_8FUD
#
_entry.id   8FUD
#
_cell.length_a   54.051
_cell.length_b   68.597
_cell.length_c   211.139
_cell.angle_alpha   90.00
_cell.angle_beta   90.00
_cell.angle_gamma   90.00
#
_symmetry.space_group_name_H-M   'C 2 2 21'
#
loop_
_entity.id
_entity.type
_entity.pdbx_description
1 polymer 'Vacuolar protein sorting-associated protein 29'
2 polymer 'Putative vacuolar protein sorting-associated protein'
3 non-polymer 'PHOSPHATE ION'
4 non-polymer GLYCEROL
5 non-polymer 'DIMETHYL SULFOXIDE'
6 water water
#
loop_
_entity_poly.entity_id
_entity_poly.type
_entity_poly.pdbx_seq_one_letter_code
_entity_poly.pdbx_strand_id
1 'polypeptide(L)'
;GSMAGHRLVLVLGDLHIPHRCNSLPAKFKKLLVPGKIQHILCTGNLCTKESYDYLKTLAGDVHIVRGDFDENLNYPEQKV
VTVGQFKIGLIHGHQVIPWGDMASLALLQRQFDVDILISGHTHKFEAFEHENKFYINPGSATGAYNALETNIIPSFVLMD
IQASTVVTYVYQLIGDDVKVERIEYKKS
;
A,B
2 'polypeptide(L)' EDDPLGPLGA C,D
#
loop_
_chem_comp.id
_chem_comp.type
_chem_comp.name
_chem_comp.formula
DMS non-polymer 'DIMETHYL SULFOXIDE' 'C2 H6 O S'
GOL non-polymer GLYCEROL 'C3 H8 O3'
PO4 non-polymer 'PHOSPHATE ION' 'O4 P -3'
#
# COMPACT_ATOMS: atom_id res chain seq x y z
N MET A 3 9.22 11.06 -18.23
CA MET A 3 8.84 11.00 -16.81
C MET A 3 9.27 9.68 -16.17
N ALA A 4 10.32 9.07 -16.72
CA ALA A 4 10.89 7.89 -16.08
C ALA A 4 11.40 8.27 -14.68
N GLY A 5 10.99 7.51 -13.68
CA GLY A 5 11.34 7.83 -12.32
C GLY A 5 10.43 8.84 -11.65
N HIS A 6 9.53 9.46 -12.40
CA HIS A 6 8.49 10.26 -11.80
C HIS A 6 7.34 9.37 -11.33
N ARG A 7 6.69 9.77 -10.25
CA ARG A 7 5.49 9.10 -9.76
CA ARG A 7 5.48 9.10 -9.78
C ARG A 7 4.32 10.08 -9.90
N LEU A 8 3.32 9.70 -10.67
CA LEU A 8 2.14 10.53 -10.92
C LEU A 8 0.99 10.11 -10.03
N VAL A 9 0.50 11.03 -9.23
CA VAL A 9 -0.57 10.77 -8.27
C VAL A 9 -1.74 11.69 -8.61
N LEU A 10 -2.88 11.09 -8.95
CA LEU A 10 -4.11 11.86 -9.16
C LEU A 10 -4.78 12.14 -7.82
N VAL A 11 -5.19 13.40 -7.60
CA VAL A 11 -5.83 13.79 -6.35
C VAL A 11 -7.17 14.43 -6.71
N LEU A 12 -8.27 13.86 -6.21
CA LEU A 12 -9.58 14.36 -6.58
C LEU A 12 -10.60 13.94 -5.53
N GLY A 13 -11.79 14.52 -5.60
CA GLY A 13 -12.83 14.06 -4.70
C GLY A 13 -14.05 14.95 -4.76
N ASP A 14 -14.95 14.72 -3.81
CA ASP A 14 -16.20 15.47 -3.73
C ASP A 14 -16.95 15.46 -5.06
N LEU A 15 -17.03 14.26 -5.65
CA LEU A 15 -17.73 14.11 -6.92
C LEU A 15 -19.23 14.21 -6.73
N HIS A 16 -19.74 13.62 -5.66
CA HIS A 16 -21.18 13.64 -5.34
C HIS A 16 -22.00 13.13 -6.51
N ILE A 17 -21.53 12.06 -7.13
CA ILE A 17 -22.27 11.34 -8.15
C ILE A 17 -23.07 10.26 -7.43
N PRO A 18 -24.38 10.10 -7.71
CA PRO A 18 -25.23 10.79 -8.68
C PRO A 18 -26.15 11.87 -8.12
N HIS A 19 -26.12 12.12 -6.81
CA HIS A 19 -27.10 13.03 -6.22
C HIS A 19 -26.92 14.46 -6.71
N ARG A 20 -25.68 14.97 -6.72
CA ARG A 20 -25.47 16.37 -7.08
C ARG A 20 -25.03 16.56 -8.52
N CYS A 21 -24.36 15.57 -9.10
CA CYS A 21 -23.83 15.66 -10.46
C CYS A 21 -23.94 14.30 -11.11
N ASN A 22 -24.02 14.30 -12.44
CA ASN A 22 -24.16 13.04 -13.17
CA ASN A 22 -24.16 13.06 -13.19
C ASN A 22 -22.84 12.44 -13.62
N SER A 23 -21.81 13.26 -13.83
CA SER A 23 -20.56 12.80 -14.44
CA SER A 23 -20.52 12.76 -14.31
C SER A 23 -19.50 13.87 -14.28
N LEU A 24 -18.23 13.49 -14.49
CA LEU A 24 -17.14 14.44 -14.64
CA LEU A 24 -17.18 14.49 -14.61
C LEU A 24 -17.35 15.25 -15.93
N PRO A 25 -16.87 16.50 -15.98
CA PRO A 25 -16.94 17.28 -17.22
C PRO A 25 -16.31 16.52 -18.38
N ALA A 26 -16.86 16.71 -19.58
CA ALA A 26 -16.36 15.98 -20.73
C ALA A 26 -14.88 16.25 -20.97
N LYS A 27 -14.44 17.50 -20.80
CA LYS A 27 -13.04 17.80 -21.09
C LYS A 27 -12.11 17.21 -20.04
N PHE A 28 -12.59 17.00 -18.80
CA PHE A 28 -11.78 16.27 -17.82
C PHE A 28 -11.68 14.80 -18.20
N LYS A 29 -12.79 14.21 -18.65
CA LYS A 29 -12.76 12.79 -18.99
C LYS A 29 -11.85 12.51 -20.17
N LYS A 30 -11.70 13.47 -21.09
CA LYS A 30 -10.76 13.28 -22.19
C LYS A 30 -9.31 13.27 -21.70
N LEU A 31 -9.02 14.00 -20.62
CA LEU A 31 -7.67 13.99 -20.05
C LEU A 31 -7.38 12.77 -19.19
N LEU A 32 -8.41 12.26 -18.49
CA LEU A 32 -8.21 11.18 -17.52
C LEU A 32 -8.41 9.84 -18.21
N VAL A 33 -7.30 9.27 -18.67
CA VAL A 33 -7.31 8.05 -19.47
C VAL A 33 -6.43 7.04 -18.78
N PRO A 34 -6.63 5.75 -19.06
CA PRO A 34 -5.83 4.71 -18.41
C PRO A 34 -4.37 4.78 -18.86
N GLY A 35 -3.50 4.20 -18.03
CA GLY A 35 -2.12 3.95 -18.40
C GLY A 35 -1.14 5.05 -18.10
N LYS A 36 -1.52 6.06 -17.34
CA LYS A 36 -0.64 7.18 -17.03
CA LYS A 36 -0.64 7.18 -17.03
C LYS A 36 -0.43 7.37 -15.55
N ILE A 37 -1.49 7.32 -14.77
CA ILE A 37 -1.44 7.60 -13.34
C ILE A 37 -1.01 6.36 -12.57
N GLN A 38 -0.16 6.54 -11.56
CA GLN A 38 0.35 5.44 -10.73
C GLN A 38 -0.46 5.20 -9.47
N HIS A 39 -0.94 6.28 -8.84
CA HIS A 39 -1.70 6.20 -7.60
C HIS A 39 -2.81 7.23 -7.64
N ILE A 40 -3.92 6.92 -6.99
CA ILE A 40 -5.01 7.87 -6.82
C ILE A 40 -5.26 8.07 -5.34
N LEU A 41 -5.26 9.34 -4.89
CA LEU A 41 -5.63 9.73 -3.52
C LEU A 41 -6.93 10.50 -3.60
N CYS A 42 -8.01 9.92 -3.07
CA CYS A 42 -9.35 10.49 -3.21
C CYS A 42 -9.86 10.97 -1.85
N THR A 43 -10.34 12.22 -1.79
CA THR A 43 -10.82 12.80 -0.55
C THR A 43 -12.20 12.28 -0.14
N GLY A 44 -12.84 11.49 -0.99
CA GLY A 44 -14.13 10.89 -0.70
C GLY A 44 -15.31 11.64 -1.31
N ASN A 45 -16.49 11.27 -0.83
CA ASN A 45 -17.78 11.68 -1.39
C ASN A 45 -17.86 11.36 -2.89
N LEU A 46 -17.79 10.06 -3.19
CA LEU A 46 -17.86 9.58 -4.57
C LEU A 46 -19.23 9.80 -5.23
N CYS A 47 -20.34 9.28 -4.67
CA CYS A 47 -20.49 8.67 -3.35
C CYS A 47 -20.82 7.19 -3.40
N THR A 48 -20.76 6.58 -4.58
CA THR A 48 -21.18 5.19 -4.73
C THR A 48 -20.10 4.35 -5.40
N LYS A 49 -20.35 3.04 -5.44
CA LYS A 49 -19.39 2.10 -5.97
C LYS A 49 -19.07 2.39 -7.44
N GLU A 50 -20.03 2.95 -8.17
CA GLU A 50 -19.81 3.18 -9.60
C GLU A 50 -18.65 4.15 -9.83
N SER A 51 -18.51 5.14 -8.96
CA SER A 51 -17.38 6.06 -9.09
C SER A 51 -16.08 5.44 -8.61
N TYR A 52 -16.12 4.55 -7.62
CA TYR A 52 -14.90 3.83 -7.24
C TYR A 52 -14.40 2.96 -8.38
N ASP A 53 -15.33 2.25 -9.04
CA ASP A 53 -14.95 1.44 -10.20
C ASP A 53 -14.30 2.29 -11.28
N TYR A 54 -14.83 3.50 -11.50
CA TYR A 54 -14.26 4.40 -12.49
C TYR A 54 -12.82 4.73 -12.14
N LEU A 55 -12.54 5.05 -10.86
CA LEU A 55 -11.17 5.32 -10.47
C LEU A 55 -10.26 4.13 -10.75
N LYS A 56 -10.76 2.91 -10.52
CA LYS A 56 -9.93 1.74 -10.80
C LYS A 56 -9.62 1.59 -12.28
N THR A 57 -10.43 2.19 -13.17
CA THR A 57 -10.05 2.15 -14.58
C THR A 57 -8.86 3.06 -14.86
N LEU A 58 -8.59 4.03 -14.00
CA LEU A 58 -7.50 4.97 -14.23
C LEU A 58 -6.19 4.51 -13.61
N ALA A 59 -6.24 3.77 -12.50
CA ALA A 59 -5.04 3.30 -11.86
C ALA A 59 -5.37 2.12 -10.97
N GLY A 60 -4.39 1.21 -10.83
CA GLY A 60 -4.59 0.07 -9.95
C GLY A 60 -4.64 0.46 -8.48
N ASP A 61 -3.87 1.47 -8.09
CA ASP A 61 -3.69 1.76 -6.67
C ASP A 61 -4.56 2.96 -6.29
N VAL A 62 -5.74 2.67 -5.76
CA VAL A 62 -6.74 3.68 -5.39
C VAL A 62 -6.86 3.72 -3.88
N HIS A 63 -6.71 4.92 -3.31
CA HIS A 63 -6.86 5.19 -1.89
C HIS A 63 -7.98 6.19 -1.69
N ILE A 64 -8.93 5.86 -0.82
CA ILE A 64 -10.06 6.74 -0.56
CA ILE A 64 -10.05 6.75 -0.57
C ILE A 64 -10.27 6.85 0.94
N VAL A 65 -10.67 8.04 1.39
CA VAL A 65 -11.06 8.26 2.77
C VAL A 65 -12.54 8.59 2.76
N ARG A 66 -13.17 8.49 3.94
CA ARG A 66 -14.62 8.51 4.02
CA ARG A 66 -14.62 8.49 3.99
C ARG A 66 -15.15 9.93 4.04
N GLY A 67 -15.95 10.28 3.04
CA GLY A 67 -16.68 11.52 3.08
C GLY A 67 -17.98 11.35 3.83
N ASP A 68 -18.57 12.49 4.21
CA ASP A 68 -19.78 12.42 5.03
C ASP A 68 -21.02 12.01 4.24
N PHE A 69 -20.92 11.88 2.92
CA PHE A 69 -22.02 11.35 2.11
C PHE A 69 -21.70 10.04 1.41
N ASP A 70 -20.51 9.46 1.63
CA ASP A 70 -20.16 8.20 0.99
C ASP A 70 -21.07 7.07 1.49
N GLU A 71 -21.46 6.18 0.57
CA GLU A 71 -22.24 5.00 1.00
C GLU A 71 -21.34 3.96 1.65
N ASN A 72 -20.06 3.90 1.29
CA ASN A 72 -19.20 2.81 1.76
C ASN A 72 -18.60 3.21 3.10
N LEU A 73 -19.07 2.57 4.17
CA LEU A 73 -18.62 2.89 5.51
C LEU A 73 -17.36 2.15 5.90
N ASN A 74 -16.80 1.37 4.98
CA ASN A 74 -15.53 0.70 5.19
C ASN A 74 -14.34 1.64 4.95
N TYR A 75 -14.54 2.75 4.24
CA TYR A 75 -13.44 3.65 3.96
C TYR A 75 -12.90 4.23 5.26
N PRO A 76 -11.58 4.34 5.41
CA PRO A 76 -11.02 4.93 6.63
C PRO A 76 -11.30 6.43 6.72
N GLU A 77 -11.38 6.92 7.95
CA GLU A 77 -11.59 8.35 8.16
C GLU A 77 -10.39 9.17 7.68
N GLN A 78 -9.19 8.62 7.83
CA GLN A 78 -7.99 9.31 7.40
C GLN A 78 -6.96 8.25 7.04
N LYS A 79 -5.93 8.68 6.31
CA LYS A 79 -4.92 7.79 5.75
C LYS A 79 -3.61 8.56 5.68
N VAL A 80 -2.50 7.87 5.93
CA VAL A 80 -1.19 8.43 5.64
C VAL A 80 -0.46 7.46 4.73
N VAL A 81 0.13 7.97 3.64
CA VAL A 81 0.87 7.14 2.71
C VAL A 81 2.21 7.80 2.43
N THR A 82 3.16 7.01 1.97
CA THR A 82 4.45 7.55 1.52
C THR A 82 4.58 7.34 0.01
N VAL A 83 4.91 8.41 -0.72
CA VAL A 83 5.19 8.31 -2.15
C VAL A 83 6.52 9.02 -2.40
N GLY A 84 7.48 8.31 -2.99
CA GLY A 84 8.83 8.85 -3.04
C GLY A 84 9.30 9.25 -1.67
N GLN A 85 9.82 10.47 -1.56
CA GLN A 85 10.31 10.99 -0.29
C GLN A 85 9.23 11.64 0.57
N PHE A 86 7.98 11.70 0.11
CA PHE A 86 6.95 12.48 0.78
C PHE A 86 6.02 11.61 1.59
N LYS A 87 5.79 12.01 2.84
CA LYS A 87 4.69 11.48 3.62
C LYS A 87 3.47 12.35 3.39
N ILE A 88 2.34 11.72 3.06
CA ILE A 88 1.16 12.43 2.60
C ILE A 88 -0.03 12.02 3.45
N GLY A 89 -0.74 13.00 3.99
CA GLY A 89 -1.93 12.74 4.76
C GLY A 89 -3.18 13.03 3.95
N LEU A 90 -4.26 12.30 4.24
CA LEU A 90 -5.48 12.38 3.46
C LEU A 90 -6.68 12.30 4.39
N ILE A 91 -7.59 13.27 4.27
CA ILE A 91 -8.81 13.29 5.09
C ILE A 91 -9.85 14.08 4.32
N HIS A 92 -11.14 13.76 4.54
CA HIS A 92 -12.13 14.45 3.72
C HIS A 92 -12.27 15.91 4.14
N GLY A 93 -12.30 16.19 5.43
CA GLY A 93 -12.22 17.56 5.90
C GLY A 93 -13.49 18.12 6.48
N HIS A 94 -14.59 17.39 6.44
CA HIS A 94 -15.76 17.84 7.18
C HIS A 94 -15.51 17.87 8.67
N GLN A 95 -14.43 17.22 9.12
CA GLN A 95 -14.01 17.26 10.52
C GLN A 95 -13.38 18.59 10.91
N VAL A 96 -12.98 19.42 9.94
CA VAL A 96 -12.29 20.68 10.18
C VAL A 96 -13.30 21.82 10.25
N ILE A 97 -13.38 22.47 11.41
CA ILE A 97 -14.36 23.52 11.67
C ILE A 97 -13.65 24.75 12.23
N PRO A 98 -13.81 25.94 11.65
CA PRO A 98 -14.56 26.20 10.40
C PRO A 98 -13.83 25.58 9.21
N TRP A 99 -14.50 25.41 8.09
CA TRP A 99 -13.91 24.62 7.01
C TRP A 99 -12.68 25.30 6.45
N GLY A 100 -11.69 24.49 6.06
CA GLY A 100 -10.44 24.99 5.54
C GLY A 100 -9.59 25.74 6.55
N ASP A 101 -9.95 25.72 7.83
CA ASP A 101 -9.23 26.50 8.84
C ASP A 101 -7.75 26.17 8.84
N MET A 102 -6.91 27.20 8.69
CA MET A 102 -5.48 26.96 8.55
C MET A 102 -4.90 26.42 9.86
N ALA A 103 -5.36 26.92 11.00
CA ALA A 103 -4.86 26.43 12.28
C ALA A 103 -5.20 24.96 12.47
N SER A 104 -6.42 24.56 12.11
CA SER A 104 -6.82 23.16 12.28
C SER A 104 -6.08 22.25 11.30
N LEU A 105 -5.88 22.71 10.07
CA LEU A 105 -5.13 21.89 9.11
C LEU A 105 -3.68 21.72 9.54
N ALA A 106 -3.09 22.78 10.10
CA ALA A 106 -1.71 22.67 10.57
C ALA A 106 -1.61 21.70 11.76
N LEU A 107 -2.63 21.67 12.63
CA LEU A 107 -2.64 20.65 13.68
C LEU A 107 -2.69 19.26 13.09
N LEU A 108 -3.51 19.07 12.06
CA LEU A 108 -3.57 17.77 11.41
C LEU A 108 -2.25 17.42 10.75
N GLN A 109 -1.58 18.41 10.12
CA GLN A 109 -0.25 18.17 9.57
C GLN A 109 0.70 17.64 10.64
N ARG A 110 0.73 18.29 11.82
CA ARG A 110 1.63 17.83 12.89
C ARG A 110 1.21 16.48 13.45
N GLN A 111 -0.10 16.27 13.61
CA GLN A 111 -0.60 15.01 14.16
C GLN A 111 -0.31 13.83 13.25
N PHE A 112 -0.53 14.01 11.94
CA PHE A 112 -0.24 12.95 10.97
C PHE A 112 1.25 12.84 10.69
N ASP A 113 2.00 13.91 10.99
CA ASP A 113 3.45 13.97 10.72
C ASP A 113 3.72 13.88 9.22
N VAL A 114 3.08 14.76 8.45
CA VAL A 114 3.15 14.63 7.00
C VAL A 114 3.78 15.87 6.37
N ASP A 115 4.41 15.66 5.21
CA ASP A 115 4.91 16.77 4.41
C ASP A 115 3.79 17.47 3.64
N ILE A 116 2.80 16.69 3.19
CA ILE A 116 1.71 17.16 2.36
C ILE A 116 0.43 16.70 3.02
N LEU A 117 -0.51 17.62 3.22
CA LEU A 117 -1.84 17.27 3.73
C LEU A 117 -2.88 17.57 2.67
N ILE A 118 -3.67 16.56 2.32
CA ILE A 118 -4.73 16.67 1.34
C ILE A 118 -6.06 16.60 2.06
N SER A 119 -6.94 17.55 1.75
CA SER A 119 -8.28 17.54 2.34
C SER A 119 -9.27 18.10 1.32
N GLY A 120 -10.57 17.89 1.58
CA GLY A 120 -11.62 18.28 0.66
C GLY A 120 -12.66 19.16 1.36
N HIS A 121 -13.93 18.83 1.08
CA HIS A 121 -15.11 19.33 1.79
C HIS A 121 -15.50 20.76 1.39
N THR A 122 -14.53 21.64 1.12
CA THR A 122 -14.89 23.01 0.74
C THR A 122 -15.33 23.12 -0.71
N HIS A 123 -14.93 22.17 -1.56
CA HIS A 123 -15.15 22.22 -3.00
C HIS A 123 -14.44 23.41 -3.64
N LYS A 124 -13.38 23.90 -3.00
CA LYS A 124 -12.61 25.03 -3.51
C LYS A 124 -11.17 24.59 -3.60
N PHE A 125 -10.63 24.53 -4.83
CA PHE A 125 -9.23 24.20 -5.02
C PHE A 125 -8.32 25.15 -4.25
N GLU A 126 -7.31 24.56 -3.61
CA GLU A 126 -6.20 25.31 -3.03
C GLU A 126 -4.99 24.39 -3.01
N ALA A 127 -3.83 24.91 -3.37
CA ALA A 127 -2.58 24.16 -3.21
C ALA A 127 -1.52 25.17 -2.81
N PHE A 128 -1.07 25.10 -1.56
CA PHE A 128 -0.15 26.13 -1.12
C PHE A 128 0.77 25.64 -0.03
N GLU A 129 1.94 26.26 0.03
CA GLU A 129 2.89 26.03 1.10
C GLU A 129 2.66 27.01 2.24
N HIS A 130 2.71 26.49 3.46
CA HIS A 130 2.51 27.28 4.67
C HIS A 130 3.48 26.74 5.71
N GLU A 131 4.38 27.60 6.19
CA GLU A 131 5.40 27.20 7.15
C GLU A 131 6.13 25.93 6.73
N ASN A 132 6.56 25.89 5.46
CA ASN A 132 7.40 24.83 4.91
C ASN A 132 6.70 23.48 4.80
N LYS A 133 5.37 23.45 4.89
CA LYS A 133 4.57 22.25 4.64
C LYS A 133 3.58 22.55 3.53
N PHE A 134 3.07 21.52 2.87
CA PHE A 134 2.24 21.74 1.69
C PHE A 134 0.82 21.23 1.92
N TYR A 135 -0.16 22.02 1.49
CA TYR A 135 -1.58 21.75 1.72
C TYR A 135 -2.30 21.77 0.38
N ILE A 136 -3.01 20.68 0.07
CA ILE A 136 -3.70 20.53 -1.20
C ILE A 136 -5.17 20.26 -0.93
N ASN A 137 -6.04 21.02 -1.59
CA ASN A 137 -7.46 20.68 -1.67
C ASN A 137 -7.76 20.62 -3.16
N PRO A 138 -8.13 19.46 -3.71
CA PRO A 138 -8.32 19.38 -5.17
C PRO A 138 -9.62 19.99 -5.64
N GLY A 139 -10.44 20.51 -4.72
CA GLY A 139 -11.78 20.95 -5.09
C GLY A 139 -12.67 19.77 -5.42
N SER A 140 -13.75 20.04 -6.12
CA SER A 140 -14.69 19.03 -6.57
C SER A 140 -14.50 18.78 -8.06
N ALA A 141 -14.19 17.55 -8.43
CA ALA A 141 -13.90 17.32 -9.84
C ALA A 141 -15.14 17.40 -10.72
N THR A 142 -16.33 17.41 -10.13
CA THR A 142 -17.57 17.57 -10.88
C THR A 142 -18.15 18.98 -10.81
N GLY A 143 -17.58 19.85 -9.99
CA GLY A 143 -18.21 21.13 -9.68
C GLY A 143 -19.46 21.03 -8.84
N ALA A 144 -19.58 19.98 -8.02
CA ALA A 144 -20.75 19.80 -7.16
C ALA A 144 -20.93 20.97 -6.21
N TYR A 145 -22.19 21.36 -5.99
CA TYR A 145 -22.46 22.39 -5.01
C TYR A 145 -22.01 21.92 -3.63
N ASN A 146 -21.59 22.88 -2.79
CA ASN A 146 -21.15 22.57 -1.44
C ASN A 146 -22.21 23.01 -0.42
N ALA A 147 -21.83 22.96 0.85
CA ALA A 147 -22.77 23.26 1.93
C ALA A 147 -23.28 24.69 1.88
N LEU A 148 -22.58 25.60 1.20
CA LEU A 148 -22.90 27.00 1.27
C LEU A 148 -23.33 27.61 -0.05
N GLU A 149 -22.92 27.06 -1.20
CA GLU A 149 -22.99 27.81 -2.43
C GLU A 149 -22.92 26.88 -3.64
N THR A 150 -23.20 27.45 -4.82
CA THR A 150 -23.38 26.68 -6.04
C THR A 150 -22.44 27.03 -7.18
N ASN A 151 -21.74 28.13 -7.04
CA ASN A 151 -20.81 28.53 -8.05
C ASN A 151 -19.49 27.84 -7.75
N ILE A 152 -19.35 26.62 -8.22
CA ILE A 152 -18.18 25.81 -7.89
C ILE A 152 -17.42 25.52 -9.18
N ILE A 153 -16.12 25.80 -9.18
CA ILE A 153 -15.26 25.55 -10.35
C ILE A 153 -14.84 24.08 -10.33
N PRO A 154 -15.16 23.28 -11.35
CA PRO A 154 -14.64 21.89 -11.37
C PRO A 154 -13.13 21.88 -11.44
N SER A 155 -12.52 20.99 -10.65
CA SER A 155 -11.06 20.96 -10.57
C SER A 155 -10.58 19.62 -10.06
N PHE A 156 -9.32 19.31 -10.39
CA PHE A 156 -8.61 18.19 -9.78
C PHE A 156 -7.13 18.52 -9.85
N VAL A 157 -6.32 17.71 -9.19
CA VAL A 157 -4.89 17.95 -9.08
C VAL A 157 -4.14 16.70 -9.50
N LEU A 158 -2.96 16.89 -10.10
CA LEU A 158 -2.03 15.79 -10.37
CA LEU A 158 -2.03 15.80 -10.38
C LEU A 158 -0.68 16.15 -9.76
N MET A 159 -0.18 15.29 -8.88
CA MET A 159 1.12 15.50 -8.25
C MET A 159 2.14 14.71 -9.06
N ASP A 160 3.22 15.36 -9.45
CA ASP A 160 4.32 14.71 -10.17
C ASP A 160 5.49 14.72 -9.19
N ILE A 161 5.77 13.56 -8.58
CA ILE A 161 6.72 13.47 -7.48
C ILE A 161 8.03 12.89 -8.00
N GLN A 162 9.12 13.60 -7.74
CA GLN A 162 10.45 13.12 -8.07
C GLN A 162 11.44 13.66 -7.05
N ALA A 163 12.21 12.77 -6.45
CA ALA A 163 13.23 13.14 -5.46
C ALA A 163 12.50 13.83 -4.30
N SER A 164 12.98 14.97 -3.82
CA SER A 164 12.29 15.71 -2.78
C SER A 164 11.52 16.90 -3.35
N THR A 165 11.06 16.81 -4.59
CA THR A 165 10.27 17.85 -5.24
C THR A 165 8.95 17.26 -5.72
N VAL A 166 7.85 17.95 -5.44
CA VAL A 166 6.57 17.62 -6.05
C VAL A 166 6.16 18.81 -6.90
N VAL A 167 5.81 18.55 -8.15
CA VAL A 167 5.22 19.54 -9.03
C VAL A 167 3.73 19.22 -9.11
N THR A 168 2.92 20.13 -8.59
CA THR A 168 1.47 19.92 -8.53
C THR A 168 0.85 20.64 -9.72
N TYR A 169 0.18 19.88 -10.58
CA TYR A 169 -0.54 20.43 -11.72
C TYR A 169 -2.01 20.55 -11.33
N VAL A 170 -2.57 21.76 -11.46
CA VAL A 170 -3.98 21.98 -11.13
C VAL A 170 -4.73 22.15 -12.43
N TYR A 171 -5.83 21.40 -12.58
CA TYR A 171 -6.70 21.45 -13.74
C TYR A 171 -8.03 22.07 -13.30
N GLN A 172 -8.42 23.19 -13.93
CA GLN A 172 -9.68 23.85 -13.60
C GLN A 172 -10.49 24.05 -14.87
N LEU A 173 -11.81 23.85 -14.78
CA LEU A 173 -12.69 24.10 -15.92
C LEU A 173 -13.29 25.49 -15.71
N ILE A 174 -12.80 26.47 -16.46
CA ILE A 174 -13.26 27.84 -16.32
C ILE A 174 -13.87 28.24 -17.66
N GLY A 175 -15.14 28.61 -17.63
CA GLY A 175 -15.91 28.63 -18.87
C GLY A 175 -16.06 27.20 -19.35
N ASP A 176 -15.73 26.97 -20.62
CA ASP A 176 -15.69 25.61 -21.14
C ASP A 176 -14.27 25.18 -21.50
N ASP A 177 -13.26 25.83 -20.93
CA ASP A 177 -11.87 25.55 -21.24
C ASP A 177 -11.12 25.12 -19.98
N VAL A 178 -10.16 24.22 -20.17
CA VAL A 178 -9.36 23.72 -19.06
C VAL A 178 -8.15 24.62 -18.89
N LYS A 179 -7.99 25.13 -17.67
CA LYS A 179 -6.81 25.90 -17.27
C LYS A 179 -5.89 24.97 -16.51
N VAL A 180 -4.60 25.02 -16.83
CA VAL A 180 -3.60 24.17 -16.18
C VAL A 180 -2.50 25.05 -15.63
N GLU A 181 -2.17 24.88 -14.34
CA GLU A 181 -1.08 25.63 -13.70
C GLU A 181 -0.20 24.67 -12.91
N ARG A 182 1.04 25.09 -12.70
CA ARG A 182 2.10 24.25 -12.15
CA ARG A 182 2.10 24.25 -12.15
C ARG A 182 2.60 24.87 -10.84
N ILE A 183 2.59 24.11 -9.75
CA ILE A 183 2.99 24.63 -8.44
C ILE A 183 4.05 23.71 -7.83
N GLU A 184 5.22 24.26 -7.51
CA GLU A 184 6.33 23.46 -7.00
C GLU A 184 6.41 23.53 -5.48
N TYR A 185 6.65 22.37 -4.85
CA TYR A 185 6.94 22.29 -3.41
C TYR A 185 8.14 21.38 -3.20
N LYS A 186 9.11 21.83 -2.41
CA LYS A 186 10.30 21.04 -2.14
C LYS A 186 10.37 20.71 -0.66
N LYS A 187 10.75 19.48 -0.36
CA LYS A 187 11.08 19.13 1.02
C LYS A 187 12.36 19.81 1.46
N SER A 188 12.44 20.07 2.77
CA SER A 188 13.70 20.45 3.40
C SER A 188 14.32 19.22 4.08
N MET B 3 26.48 -24.16 10.35
CA MET B 3 25.87 -22.95 9.83
C MET B 3 26.63 -22.39 8.64
N ALA B 4 27.94 -22.65 8.60
CA ALA B 4 28.76 -22.14 7.52
C ALA B 4 28.34 -22.77 6.20
N GLY B 5 28.15 -21.94 5.17
CA GLY B 5 27.68 -22.41 3.89
C GLY B 5 26.17 -22.46 3.76
N HIS B 6 25.44 -22.19 4.83
CA HIS B 6 23.98 -22.12 4.80
C HIS B 6 23.57 -20.67 4.65
N ARG B 7 22.43 -20.44 3.99
CA ARG B 7 21.84 -19.12 3.89
C ARG B 7 20.47 -19.18 4.57
N LEU B 8 20.28 -18.36 5.61
CA LEU B 8 19.04 -18.34 6.37
C LEU B 8 18.18 -17.18 5.88
N VAL B 9 16.93 -17.49 5.53
CA VAL B 9 16.02 -16.50 4.96
C VAL B 9 14.78 -16.46 5.83
N LEU B 10 14.52 -15.30 6.42
CA LEU B 10 13.31 -15.11 7.20
C LEU B 10 12.17 -14.74 6.27
N VAL B 11 11.02 -15.41 6.41
CA VAL B 11 9.86 -15.18 5.57
C VAL B 11 8.68 -14.88 6.48
N LEU B 12 8.10 -13.69 6.34
CA LEU B 12 7.04 -13.28 7.27
C LEU B 12 6.25 -12.15 6.63
N GLY B 13 5.10 -11.85 7.22
CA GLY B 13 4.35 -10.69 6.76
C GLY B 13 3.00 -10.61 7.44
N ASP B 14 2.17 -9.70 6.91
CA ASP B 14 0.84 -9.45 7.45
C ASP B 14 0.88 -9.18 8.95
N LEU B 15 1.77 -8.27 9.34
CA LEU B 15 1.93 -7.90 10.74
C LEU B 15 0.80 -6.98 11.19
N HIS B 16 0.42 -6.02 10.35
CA HIS B 16 -0.65 -5.06 10.63
C HIS B 16 -0.40 -4.35 11.95
N ILE B 17 0.83 -3.89 12.13
CA ILE B 17 1.19 -3.04 13.26
C ILE B 17 1.09 -1.60 12.75
N PRO B 18 0.45 -0.68 13.50
CA PRO B 18 -0.15 -0.82 14.83
C PRO B 18 -1.67 -0.97 14.82
N HIS B 19 -2.32 -1.00 13.65
CA HIS B 19 -3.77 -0.91 13.65
C HIS B 19 -4.43 -2.17 14.20
N ARG B 20 -3.90 -3.35 13.88
CA ARG B 20 -4.47 -4.59 14.37
C ARG B 20 -3.68 -5.24 15.49
N CYS B 21 -2.38 -4.96 15.58
CA CYS B 21 -1.52 -5.55 16.58
C CYS B 21 -0.45 -4.54 16.98
N ASN B 22 -0.03 -4.61 18.22
CA ASN B 22 0.97 -3.69 18.72
CA ASN B 22 0.98 -3.68 18.72
C ASN B 22 2.40 -4.19 18.52
N SER B 23 2.60 -5.50 18.43
CA SER B 23 3.95 -6.05 18.38
CA SER B 23 3.94 -6.04 18.34
C SER B 23 3.89 -7.51 17.94
N LEU B 24 5.06 -8.04 17.58
CA LEU B 24 5.22 -9.47 17.43
C LEU B 24 5.09 -10.12 18.81
N PRO B 25 4.71 -11.39 18.84
CA PRO B 25 4.71 -12.11 20.13
C PRO B 25 6.08 -12.05 20.78
N ALA B 26 6.07 -11.93 22.12
CA ALA B 26 7.31 -11.84 22.87
C ALA B 26 8.26 -12.99 22.53
N LYS B 27 7.75 -14.21 22.38
CA LYS B 27 8.64 -15.33 22.14
C LYS B 27 9.23 -15.29 20.73
N PHE B 28 8.48 -14.77 19.76
CA PHE B 28 9.02 -14.59 18.42
C PHE B 28 10.15 -13.55 18.43
N LYS B 29 9.97 -12.46 19.16
CA LYS B 29 11.02 -11.45 19.22
C LYS B 29 12.30 -12.00 19.84
N LYS B 30 12.17 -12.93 20.79
CA LYS B 30 13.36 -13.54 21.37
C LYS B 30 14.07 -14.46 20.38
N LEU B 31 13.31 -15.17 19.53
CA LEU B 31 13.93 -16.04 18.55
C LEU B 31 14.68 -15.27 17.48
N LEU B 32 14.19 -14.09 17.11
CA LEU B 32 14.71 -13.36 15.95
C LEU B 32 15.86 -12.47 16.43
N VAL B 33 17.03 -13.09 16.59
CA VAL B 33 18.17 -12.32 17.10
C VAL B 33 18.95 -11.74 15.93
N PRO B 34 19.33 -10.46 16.01
CA PRO B 34 20.08 -9.84 14.92
C PRO B 34 21.36 -10.59 14.61
N GLY B 35 21.74 -10.56 13.32
CA GLY B 35 22.96 -11.19 12.88
C GLY B 35 22.83 -12.62 12.39
N LYS B 36 21.76 -13.33 12.76
CA LYS B 36 21.66 -14.75 12.42
C LYS B 36 21.13 -14.94 11.00
N ILE B 37 20.25 -14.06 10.57
CA ILE B 37 19.53 -14.18 9.32
C ILE B 37 20.25 -13.38 8.24
N GLN B 38 20.35 -13.95 7.04
CA GLN B 38 21.05 -13.27 5.96
C GLN B 38 20.11 -12.45 5.07
N HIS B 39 18.87 -12.89 4.87
CA HIS B 39 17.92 -12.16 4.04
C HIS B 39 16.55 -12.26 4.67
N ILE B 40 15.76 -11.19 4.50
CA ILE B 40 14.37 -11.18 4.92
C ILE B 40 13.49 -10.95 3.71
N LEU B 41 12.51 -11.84 3.51
CA LEU B 41 11.53 -11.71 2.44
C LEU B 41 10.18 -11.51 3.11
N CYS B 42 9.61 -10.31 2.98
CA CYS B 42 8.40 -9.94 3.69
C CYS B 42 7.24 -9.78 2.71
N THR B 43 6.11 -10.44 3.00
CA THR B 43 4.95 -10.40 2.10
C THR B 43 4.21 -9.08 2.16
N GLY B 44 4.57 -8.18 3.08
CA GLY B 44 3.91 -6.88 3.18
C GLY B 44 2.92 -6.78 4.33
N ASN B 45 2.20 -5.66 4.31
CA ASN B 45 1.30 -5.25 5.39
C ASN B 45 2.03 -5.15 6.73
N LEU B 46 2.98 -4.21 6.77
CA LEU B 46 3.81 -4.01 7.96
C LEU B 46 3.04 -3.41 9.15
N CYS B 47 2.36 -2.26 9.00
CA CYS B 47 2.11 -1.48 7.79
C CYS B 47 2.80 -0.13 7.80
N THR B 48 3.72 0.11 8.74
CA THR B 48 4.35 1.42 8.86
C THR B 48 5.85 1.28 8.98
N LYS B 49 6.52 2.44 8.93
CA LYS B 49 7.98 2.49 9.01
C LYS B 49 8.53 1.83 10.29
N GLU B 50 7.79 1.92 11.40
CA GLU B 50 8.23 1.31 12.65
C GLU B 50 8.61 -0.17 12.47
N SER B 51 7.81 -0.91 11.72
CA SER B 51 8.08 -2.33 11.52
C SER B 51 9.18 -2.57 10.48
N TYR B 52 9.28 -1.70 9.48
CA TYR B 52 10.39 -1.83 8.54
C TYR B 52 11.72 -1.62 9.26
N ASP B 53 11.77 -0.61 10.11
CA ASP B 53 12.98 -0.37 10.90
C ASP B 53 13.30 -1.54 11.80
N TYR B 54 12.27 -2.20 12.38
CA TYR B 54 12.51 -3.40 13.16
C TYR B 54 13.16 -4.48 12.32
N LEU B 55 12.61 -4.74 11.11
CA LEU B 55 13.21 -5.77 10.26
C LEU B 55 14.67 -5.45 9.93
N LYS B 56 14.98 -4.16 9.74
CA LYS B 56 16.36 -3.79 9.44
C LYS B 56 17.28 -4.02 10.64
N THR B 57 16.76 -4.10 11.86
CA THR B 57 17.64 -4.50 12.96
C THR B 57 17.95 -5.99 12.93
N LEU B 58 17.18 -6.79 12.21
CA LEU B 58 17.40 -8.23 12.16
C LEU B 58 18.40 -8.62 11.08
N ALA B 59 18.36 -7.93 9.95
CA ALA B 59 19.26 -8.21 8.85
C ALA B 59 19.38 -6.95 8.00
N GLY B 60 20.50 -6.82 7.32
CA GLY B 60 20.65 -5.70 6.40
C GLY B 60 19.84 -5.86 5.14
N ASP B 61 19.65 -7.09 4.68
CA ASP B 61 19.06 -7.31 3.36
C ASP B 61 17.58 -7.64 3.54
N VAL B 62 16.74 -6.60 3.46
CA VAL B 62 15.31 -6.71 3.68
C VAL B 62 14.61 -6.43 2.36
N HIS B 63 13.71 -7.33 1.98
CA HIS B 63 12.90 -7.20 0.77
C HIS B 63 11.44 -7.24 1.16
N ILE B 64 10.68 -6.22 0.74
CA ILE B 64 9.26 -6.18 1.04
CA ILE B 64 9.26 -6.11 1.06
C ILE B 64 8.48 -5.90 -0.23
N VAL B 65 7.33 -6.58 -0.36
CA VAL B 65 6.39 -6.28 -1.43
C VAL B 65 5.20 -5.59 -0.82
N ARG B 66 4.39 -4.95 -1.68
N ARG B 66 4.40 -4.94 -1.66
CA ARG B 66 3.35 -4.05 -1.18
CA ARG B 66 3.39 -4.03 -1.13
C ARG B 66 2.08 -4.80 -0.80
C ARG B 66 2.10 -4.76 -0.80
N GLY B 67 1.68 -4.67 0.47
CA GLY B 67 0.41 -5.20 0.90
C GLY B 67 -0.67 -4.16 0.68
N ASP B 68 -1.92 -4.60 0.75
CA ASP B 68 -3.01 -3.67 0.48
C ASP B 68 -3.28 -2.69 1.62
N PHE B 69 -2.62 -2.85 2.77
CA PHE B 69 -2.72 -1.87 3.85
C PHE B 69 -1.42 -1.16 4.16
N ASP B 70 -0.36 -1.39 3.39
CA ASP B 70 0.91 -0.73 3.66
C ASP B 70 0.81 0.76 3.40
N GLU B 71 1.45 1.55 4.27
CA GLU B 71 1.48 2.99 4.01
CA GLU B 71 1.53 3.00 4.04
C GLU B 71 2.51 3.34 2.93
N ASN B 72 3.55 2.53 2.76
CA ASN B 72 4.65 2.87 1.85
C ASN B 72 4.32 2.40 0.45
N LEU B 73 3.97 3.35 -0.41
CA LEU B 73 3.56 3.01 -1.76
C LEU B 73 4.74 2.84 -2.70
N ASN B 74 5.97 2.96 -2.20
CA ASN B 74 7.15 2.71 -3.00
C ASN B 74 7.49 1.22 -3.08
N TYR B 75 6.92 0.41 -2.21
CA TYR B 75 7.25 -1.02 -2.24
C TYR B 75 6.74 -1.61 -3.55
N PRO B 76 7.50 -2.50 -4.21
CA PRO B 76 7.06 -3.08 -5.48
C PRO B 76 5.92 -4.06 -5.25
N GLU B 77 5.05 -4.21 -6.26
CA GLU B 77 3.96 -5.18 -6.18
CA GLU B 77 3.96 -5.18 -6.17
C GLU B 77 4.49 -6.60 -6.04
N GLN B 78 5.58 -6.91 -6.73
CA GLN B 78 6.15 -8.26 -6.69
C GLN B 78 7.65 -8.18 -6.90
N LYS B 79 8.33 -9.28 -6.59
CA LYS B 79 9.78 -9.33 -6.62
C LYS B 79 10.22 -10.75 -6.94
N VAL B 80 11.28 -10.88 -7.72
CA VAL B 80 11.97 -12.14 -7.91
C VAL B 80 13.40 -11.94 -7.48
N VAL B 81 13.92 -12.86 -6.65
CA VAL B 81 15.31 -12.82 -6.23
C VAL B 81 15.92 -14.20 -6.40
N THR B 82 17.25 -14.26 -6.43
CA THR B 82 17.98 -15.51 -6.41
C THR B 82 18.74 -15.60 -5.10
N VAL B 83 18.56 -16.72 -4.39
CA VAL B 83 19.31 -17.02 -3.18
C VAL B 83 19.90 -18.42 -3.34
N GLY B 84 21.23 -18.51 -3.29
CA GLY B 84 21.84 -19.81 -3.57
C GLY B 84 21.46 -20.27 -4.95
N GLN B 85 21.04 -21.55 -5.06
CA GLN B 85 20.62 -22.13 -6.33
CA GLN B 85 20.62 -22.10 -6.34
C GLN B 85 19.16 -21.86 -6.68
N PHE B 86 18.43 -21.08 -5.88
CA PHE B 86 16.98 -21.00 -6.01
C PHE B 86 16.53 -19.63 -6.49
N LYS B 87 15.63 -19.63 -7.47
CA LYS B 87 14.87 -18.43 -7.79
C LYS B 87 13.60 -18.40 -6.97
N ILE B 88 13.35 -17.26 -6.32
CA ILE B 88 12.28 -17.12 -5.35
C ILE B 88 11.40 -15.94 -5.75
N GLY B 89 10.10 -16.17 -5.82
CA GLY B 89 9.14 -15.12 -6.13
C GLY B 89 8.40 -14.70 -4.87
N LEU B 90 7.99 -13.42 -4.84
CA LEU B 90 7.38 -12.84 -3.65
C LEU B 90 6.26 -11.86 -4.04
N ILE B 91 5.06 -12.07 -3.49
CA ILE B 91 3.92 -11.19 -3.75
C ILE B 91 2.98 -11.25 -2.55
N HIS B 92 2.25 -10.16 -2.31
CA HIS B 92 1.43 -10.19 -1.09
C HIS B 92 0.25 -11.14 -1.25
N GLY B 93 -0.42 -11.09 -2.39
CA GLY B 93 -1.40 -12.10 -2.74
C GLY B 93 -2.83 -11.62 -2.73
N HIS B 94 -3.11 -10.38 -2.32
CA HIS B 94 -4.46 -9.86 -2.48
C HIS B 94 -4.84 -9.73 -3.94
N GLN B 95 -3.86 -9.81 -4.85
CA GLN B 95 -4.09 -9.77 -6.28
C GLN B 95 -4.56 -11.11 -6.84
N VAL B 96 -4.33 -12.20 -6.12
CA VAL B 96 -4.70 -13.54 -6.56
C VAL B 96 -6.17 -13.78 -6.22
N ILE B 97 -6.97 -14.11 -7.22
CA ILE B 97 -8.38 -14.43 -7.03
C ILE B 97 -8.63 -15.84 -7.54
N PRO B 98 -9.28 -16.72 -6.76
CA PRO B 98 -9.74 -16.55 -5.37
C PRO B 98 -8.58 -16.53 -4.37
N TRP B 99 -8.78 -15.89 -3.22
CA TRP B 99 -7.70 -15.70 -2.27
C TRP B 99 -7.26 -17.05 -1.69
N GLY B 100 -5.97 -17.33 -1.76
CA GLY B 100 -5.44 -18.61 -1.33
C GLY B 100 -5.67 -19.76 -2.28
N ASP B 101 -6.23 -19.51 -3.44
CA ASP B 101 -6.45 -20.58 -4.40
C ASP B 101 -5.18 -21.05 -5.15
N MET B 102 -4.98 -22.33 -5.22
CA MET B 102 -3.70 -22.80 -5.73
C MET B 102 -3.39 -22.95 -7.16
N ALA B 103 -4.34 -23.04 -8.04
CA ALA B 103 -4.00 -23.14 -9.43
C ALA B 103 -3.60 -21.75 -9.86
N SER B 104 -4.25 -20.75 -9.35
CA SER B 104 -3.86 -19.36 -9.57
C SER B 104 -2.44 -19.18 -9.03
N LEU B 105 -2.19 -19.68 -7.81
CA LEU B 105 -0.84 -19.61 -7.27
C LEU B 105 0.14 -20.47 -8.05
N ALA B 106 -0.28 -21.69 -8.43
CA ALA B 106 0.57 -22.52 -9.26
C ALA B 106 0.77 -21.86 -10.62
N LEU B 107 -0.26 -21.23 -11.16
CA LEU B 107 -0.11 -20.41 -12.36
C LEU B 107 0.84 -19.26 -12.13
N LEU B 108 0.66 -18.52 -11.04
CA LEU B 108 1.54 -17.40 -10.76
C LEU B 108 2.99 -17.87 -10.66
N GLN B 109 3.23 -18.97 -9.93
CA GLN B 109 4.59 -19.50 -9.82
C GLN B 109 5.15 -19.77 -11.19
N ARG B 110 4.30 -20.24 -12.11
CA ARG B 110 4.75 -20.50 -13.47
C ARG B 110 5.10 -19.22 -14.19
N GLN B 111 4.24 -18.24 -14.08
CA GLN B 111 4.48 -16.95 -14.72
C GLN B 111 5.74 -16.28 -14.17
N PHE B 112 5.92 -16.32 -12.84
CA PHE B 112 7.14 -15.78 -12.24
C PHE B 112 8.36 -16.58 -12.63
N ASP B 113 8.19 -17.85 -12.99
CA ASP B 113 9.28 -18.77 -13.33
CA ASP B 113 9.28 -18.77 -13.33
C ASP B 113 10.27 -18.90 -12.17
N VAL B 114 9.73 -19.28 -11.01
CA VAL B 114 10.51 -19.40 -9.80
C VAL B 114 10.41 -20.82 -9.24
N ASP B 115 11.50 -21.25 -8.59
CA ASP B 115 11.50 -22.52 -7.86
C ASP B 115 10.62 -22.44 -6.61
N ILE B 116 10.65 -21.30 -5.93
CA ILE B 116 9.92 -21.09 -4.68
C ILE B 116 9.08 -19.84 -4.84
N LEU B 117 7.77 -19.97 -4.57
CA LEU B 117 6.88 -18.82 -4.56
C LEU B 117 6.38 -18.61 -3.14
N ILE B 118 6.38 -17.36 -2.70
CA ILE B 118 5.93 -16.98 -1.37
C ILE B 118 4.81 -15.97 -1.54
N SER B 119 3.67 -16.19 -0.85
CA SER B 119 2.66 -15.14 -0.80
C SER B 119 1.99 -15.16 0.57
N GLY B 120 1.18 -14.13 0.79
CA GLY B 120 0.54 -13.93 2.09
C GLY B 120 -0.96 -13.72 1.99
N HIS B 121 -1.45 -12.65 2.64
CA HIS B 121 -2.82 -12.16 2.54
C HIS B 121 -3.86 -12.98 3.29
N THR B 122 -3.79 -14.32 3.24
CA THR B 122 -4.79 -15.14 3.92
C THR B 122 -4.57 -15.20 5.43
N HIS B 123 -3.37 -14.89 5.89
CA HIS B 123 -2.96 -15.04 7.29
C HIS B 123 -2.99 -16.50 7.73
N LYS B 124 -2.88 -17.44 6.80
CA LYS B 124 -2.90 -18.86 7.14
C LYS B 124 -1.70 -19.54 6.53
N PHE B 125 -0.91 -20.22 7.38
CA PHE B 125 0.18 -21.00 6.86
C PHE B 125 -0.31 -22.06 5.89
N GLU B 126 0.43 -22.24 4.80
CA GLU B 126 0.24 -23.39 3.93
C GLU B 126 1.50 -23.60 3.12
N ALA B 127 1.66 -24.82 2.64
CA ALA B 127 2.85 -25.20 1.89
C ALA B 127 2.47 -26.28 0.90
N PHE B 128 3.07 -26.22 -0.23
CA PHE B 128 2.90 -27.29 -1.23
CA PHE B 128 2.82 -27.17 -1.33
C PHE B 128 4.16 -27.52 -2.19
N GLU B 129 4.48 -28.80 -2.25
CA GLU B 129 5.60 -29.27 -3.05
C GLU B 129 5.06 -30.05 -4.23
N HIS B 130 5.43 -29.64 -5.44
CA HIS B 130 5.00 -30.35 -6.63
C HIS B 130 5.82 -29.89 -7.81
N GLU B 131 5.96 -30.80 -8.78
CA GLU B 131 6.63 -30.48 -10.03
C GLU B 131 8.00 -29.85 -9.79
N ASN B 132 8.71 -30.34 -8.76
CA ASN B 132 10.06 -29.91 -8.43
C ASN B 132 10.10 -28.45 -7.97
N LYS B 133 8.97 -27.92 -7.52
CA LYS B 133 8.82 -26.54 -7.07
C LYS B 133 8.20 -26.53 -5.69
N PHE B 134 8.21 -25.33 -5.07
CA PHE B 134 7.78 -25.18 -3.68
C PHE B 134 7.01 -23.89 -3.53
N TYR B 135 5.89 -23.95 -2.79
CA TYR B 135 5.11 -22.77 -2.47
C TYR B 135 4.94 -22.69 -0.95
N ILE B 136 5.04 -21.49 -0.39
CA ILE B 136 4.95 -21.25 1.06
CA ILE B 136 4.84 -21.31 1.04
C ILE B 136 4.12 -20.00 1.31
N ASN B 137 3.19 -20.06 2.26
CA ASN B 137 2.55 -18.88 2.84
C ASN B 137 2.93 -18.91 4.32
N PRO B 138 3.64 -17.90 4.84
CA PRO B 138 4.09 -17.94 6.24
C PRO B 138 3.03 -17.59 7.26
N GLY B 139 1.82 -17.25 6.82
CA GLY B 139 0.82 -16.80 7.77
C GLY B 139 1.14 -15.38 8.21
N SER B 140 0.49 -14.95 9.29
CA SER B 140 0.68 -13.63 9.88
C SER B 140 1.54 -13.73 11.13
N ALA B 141 2.66 -13.00 11.15
CA ALA B 141 3.61 -13.16 12.25
C ALA B 141 3.06 -12.61 13.56
N THR B 142 2.02 -11.80 13.50
CA THR B 142 1.38 -11.26 14.69
C THR B 142 0.06 -11.96 15.03
N GLY B 143 -0.42 -12.84 14.17
CA GLY B 143 -1.76 -13.40 14.34
C GLY B 143 -2.86 -12.40 14.11
N ALA B 144 -2.61 -11.39 13.26
CA ALA B 144 -3.61 -10.36 13.01
C ALA B 144 -4.86 -10.96 12.36
N TYR B 145 -6.03 -10.44 12.75
CA TYR B 145 -7.27 -10.90 12.14
C TYR B 145 -7.28 -10.57 10.66
N ASN B 146 -8.00 -11.39 9.88
CA ASN B 146 -8.21 -11.16 8.46
C ASN B 146 -9.67 -10.77 8.22
N ALA B 147 -10.06 -10.66 6.96
CA ALA B 147 -11.45 -10.33 6.61
C ALA B 147 -12.35 -11.56 6.61
N LEU B 148 -11.86 -12.70 7.06
CA LEU B 148 -12.63 -13.92 7.15
C LEU B 148 -12.74 -14.46 8.57
N GLU B 149 -11.72 -14.27 9.40
CA GLU B 149 -11.60 -14.96 10.67
C GLU B 149 -10.90 -14.05 11.66
N THR B 150 -11.09 -14.34 12.94
CA THR B 150 -10.47 -13.59 14.00
C THR B 150 -9.46 -14.39 14.80
N ASN B 151 -9.51 -15.72 14.73
CA ASN B 151 -8.67 -16.60 15.55
C ASN B 151 -7.53 -17.13 14.68
N ILE B 152 -6.50 -16.31 14.55
CA ILE B 152 -5.37 -16.59 13.68
C ILE B 152 -4.19 -17.01 14.55
N ILE B 153 -3.52 -18.08 14.16
CA ILE B 153 -2.30 -18.54 14.83
C ILE B 153 -1.13 -17.67 14.34
N PRO B 154 -0.40 -16.97 15.21
CA PRO B 154 0.80 -16.26 14.75
C PRO B 154 1.83 -17.24 14.20
N SER B 155 2.47 -16.87 13.10
CA SER B 155 3.44 -17.80 12.52
C SER B 155 4.39 -17.05 11.60
N PHE B 156 5.56 -17.64 11.43
CA PHE B 156 6.51 -17.18 10.42
C PHE B 156 7.35 -18.37 10.01
N VAL B 157 8.18 -18.14 8.99
CA VAL B 157 8.93 -19.21 8.36
C VAL B 157 10.40 -18.82 8.31
N LEU B 158 11.29 -19.79 8.51
CA LEU B 158 12.71 -19.60 8.25
C LEU B 158 13.12 -20.65 7.22
N MET B 159 13.70 -20.23 6.11
CA MET B 159 14.28 -21.16 5.15
C MET B 159 15.78 -21.23 5.31
N ASP B 160 16.28 -22.45 5.47
CA ASP B 160 17.70 -22.73 5.61
C ASP B 160 18.13 -23.36 4.29
N ILE B 161 18.85 -22.59 3.48
CA ILE B 161 19.13 -22.98 2.10
C ILE B 161 20.59 -23.38 2.00
N GLN B 162 20.84 -24.55 1.42
CA GLN B 162 22.20 -25.07 1.26
C GLN B 162 22.18 -26.00 0.08
N ALA B 163 23.02 -25.72 -0.92
CA ALA B 163 23.07 -26.52 -2.16
C ALA B 163 21.65 -26.59 -2.72
N SER B 164 21.12 -27.77 -3.03
CA SER B 164 19.80 -27.91 -3.62
CA SER B 164 19.79 -27.88 -3.61
C SER B 164 18.74 -28.26 -2.59
N THR B 165 19.01 -28.03 -1.30
CA THR B 165 18.10 -28.36 -0.21
C THR B 165 17.61 -27.08 0.43
N VAL B 166 16.30 -26.98 0.65
CA VAL B 166 15.72 -25.95 1.49
C VAL B 166 15.07 -26.65 2.68
N VAL B 167 15.56 -26.40 3.88
CA VAL B 167 14.90 -26.87 5.10
C VAL B 167 14.07 -25.71 5.63
N THR B 168 12.75 -25.87 5.59
CA THR B 168 11.84 -24.82 5.98
C THR B 168 11.36 -25.10 7.39
N TYR B 169 11.57 -24.15 8.28
CA TYR B 169 11.09 -24.25 9.66
C TYR B 169 9.89 -23.34 9.80
N VAL B 170 8.77 -23.91 10.24
CA VAL B 170 7.53 -23.18 10.43
C VAL B 170 7.37 -23.00 11.93
N TYR B 171 7.36 -21.74 12.37
CA TYR B 171 7.21 -21.41 13.79
C TYR B 171 5.79 -20.90 14.02
N GLN B 172 5.06 -21.53 14.93
CA GLN B 172 3.71 -21.11 15.26
C GLN B 172 3.65 -20.88 16.76
N LEU B 173 2.83 -19.92 17.17
CA LEU B 173 2.58 -19.69 18.59
C LEU B 173 1.22 -20.29 18.91
N ILE B 174 1.23 -21.40 19.66
CA ILE B 174 0.01 -22.12 19.98
C ILE B 174 -0.02 -22.36 21.48
N GLY B 175 -1.08 -21.91 22.15
CA GLY B 175 -1.13 -21.99 23.60
C GLY B 175 0.06 -21.36 24.28
N ASP B 176 0.54 -20.26 23.75
CA ASP B 176 1.66 -19.51 24.29
C ASP B 176 3.01 -20.14 24.25
N ASP B 177 3.12 -21.21 23.47
CA ASP B 177 4.37 -21.85 23.21
C ASP B 177 4.62 -21.87 21.65
N VAL B 178 5.87 -21.79 21.25
CA VAL B 178 6.45 -21.92 19.92
C VAL B 178 6.43 -23.41 19.59
N LYS B 179 5.61 -23.78 18.61
CA LYS B 179 5.63 -25.09 18.00
C LYS B 179 6.32 -24.97 16.66
N VAL B 180 7.11 -25.97 16.29
CA VAL B 180 7.93 -25.91 15.09
C VAL B 180 7.67 -27.14 14.22
N GLU B 181 7.51 -26.90 12.92
CA GLU B 181 7.35 -27.92 11.89
C GLU B 181 8.51 -27.78 10.92
N ARG B 182 9.13 -28.88 10.55
CA ARG B 182 10.20 -28.92 9.56
C ARG B 182 9.65 -29.45 8.24
N ILE B 183 9.84 -28.70 7.14
CA ILE B 183 9.41 -29.13 5.81
C ILE B 183 10.59 -29.00 4.85
N GLU B 184 11.08 -30.13 4.32
CA GLU B 184 12.23 -30.13 3.42
C GLU B 184 11.77 -30.12 1.97
N TYR B 185 12.42 -29.29 1.16
CA TYR B 185 12.22 -29.24 -0.28
C TYR B 185 13.60 -29.42 -0.91
N LYS B 186 13.78 -30.53 -1.61
CA LYS B 186 15.05 -30.81 -2.29
C LYS B 186 14.78 -30.81 -3.79
N LYS B 187 15.46 -29.91 -4.50
CA LYS B 187 15.21 -29.72 -5.91
C LYS B 187 15.99 -30.74 -6.74
N SER B 188 15.25 -31.42 -7.62
CA SER B 188 15.73 -32.39 -8.61
C SER B 188 16.17 -33.68 -7.94
N ASP C 3 3.64 19.48 -22.24
CA ASP C 3 3.85 20.84 -21.73
C ASP C 3 2.51 21.52 -21.37
N PRO C 4 1.63 21.75 -22.34
CA PRO C 4 0.48 22.65 -22.06
C PRO C 4 -0.56 22.05 -21.12
N LEU C 5 -0.86 20.76 -21.24
CA LEU C 5 -1.70 20.07 -20.26
C LEU C 5 -0.87 19.22 -19.31
N GLY C 6 0.41 19.55 -19.14
CA GLY C 6 1.29 18.84 -18.25
C GLY C 6 1.40 17.36 -18.56
N PRO C 7 1.45 16.53 -17.53
CA PRO C 7 1.60 15.09 -17.75
C PRO C 7 0.43 14.44 -18.45
N LEU C 8 -0.70 15.12 -18.58
CA LEU C 8 -1.86 14.56 -19.27
C LEU C 8 -1.95 15.01 -20.73
N GLY C 9 -0.94 15.73 -21.22
CA GLY C 9 -0.85 16.06 -22.63
C GLY C 9 -0.02 15.04 -23.39
N ASP D 2 8.00 -25.28 24.54
CA ASP D 2 8.72 -24.83 23.36
C ASP D 2 9.43 -26.00 22.65
N ASP D 3 9.10 -26.17 21.37
CA ASP D 3 9.72 -27.19 20.53
C ASP D 3 11.21 -26.92 20.32
N PRO D 4 11.96 -27.88 19.77
CA PRO D 4 13.32 -27.56 19.29
C PRO D 4 13.26 -26.56 18.15
N LEU D 5 14.11 -25.54 18.25
CA LEU D 5 13.95 -24.32 17.47
C LEU D 5 14.82 -24.27 16.22
N GLY D 6 15.50 -25.35 15.89
CA GLY D 6 16.35 -25.39 14.71
C GLY D 6 17.38 -24.27 14.73
N PRO D 7 17.54 -23.58 13.60
CA PRO D 7 18.60 -22.57 13.51
C PRO D 7 18.45 -21.42 14.48
N LEU D 8 17.26 -21.21 15.06
CA LEU D 8 17.04 -20.15 16.02
C LEU D 8 17.14 -20.64 17.46
N GLY D 9 17.59 -21.88 17.66
CA GLY D 9 17.73 -22.42 19.01
C GLY D 9 19.13 -22.24 19.56
P PO4 E . -19.49 18.05 1.60
O1 PO4 E . -20.33 16.87 2.04
O2 PO4 E . -18.28 18.11 2.50
O3 PO4 E . -19.07 17.80 0.17
O4 PO4 E . -20.30 19.33 1.74
C1 GOL F . 6.76 15.78 8.79
O1 GOL F . 6.70 17.14 8.50
C2 GOL F . 7.60 15.09 7.70
O2 GOL F . 8.76 15.78 7.40
C3 GOL F . 7.88 13.67 8.22
O3 GOL F . 8.65 13.01 7.28
C1 GOL G . 11.40 -3.15 -1.33
O1 GOL G . 11.69 -4.51 -1.53
C2 GOL G . 12.58 -2.53 -0.54
O2 GOL G . 12.32 -1.23 -0.14
C3 GOL G . 12.77 -3.47 0.69
O3 GOL G . 13.76 -2.88 1.48
S DMS H . 12.85 -23.38 -12.84
O DMS H . 12.22 -22.14 -12.30
C1 DMS H . 12.97 -23.28 -14.65
C2 DMS H . 14.63 -23.40 -12.46
#